data_3SRP
#
_entry.id   3SRP
#
_cell.length_a   66.560
_cell.length_b   66.560
_cell.length_c   136.720
_cell.angle_alpha   90.00
_cell.angle_beta   90.00
_cell.angle_gamma   90.00
#
_symmetry.space_group_name_H-M   'P 41 21 2'
#
loop_
_entity.id
_entity.type
_entity.pdbx_description
1 polymer 'Ricin A chain'
2 non-polymer 'SULFATE ION'
3 water water
#
_entity_poly.entity_id   1
_entity_poly.type   'polypeptide(L)'
_entity_poly.pdbx_seq_one_letter_code
;MIFPKQYPIINFTTAGATVQSYTNFIRAVRGRLTTGADVRHEIPVLPNRVGLPINQRFILVELSNHAELSVTLALDMTNA
AVVGYRAGNSAYFFHPDNQEDAEAITHLFTDVQNRYTFAFGGNYDRLEQLAGNLRENIELGNGPLEEAISALYYYSTGGT
QLPTLARSFIICIQMISEAARFQYIEGEMRTRIRYNRRSAPDPSVITLENSWGRLSTAIQESNQGAFASPIQLQRRNGSK
FSVYDVSILIPIIALMVYRCAPPPSSQF
;
_entity_poly.pdbx_strand_id   A
#
loop_
_chem_comp.id
_chem_comp.type
_chem_comp.name
_chem_comp.formula
SO4 non-polymer 'SULFATE ION' 'O4 S -2'
#
# COMPACT_ATOMS: atom_id res chain seq x y z
N TYR A 7 0.34 17.44 -6.22
CA TYR A 7 0.72 15.99 -6.22
C TYR A 7 -0.03 15.21 -7.29
N PRO A 8 0.65 14.23 -7.91
CA PRO A 8 0.02 13.41 -8.95
C PRO A 8 -1.21 12.68 -8.41
N ILE A 9 -2.26 12.58 -9.22
CA ILE A 9 -3.49 11.90 -8.84
C ILE A 9 -3.75 10.71 -9.75
N ILE A 10 -4.04 9.57 -9.13
CA ILE A 10 -4.49 8.38 -9.86
C ILE A 10 -5.94 8.13 -9.50
N ASN A 11 -6.78 7.97 -10.52
CA ASN A 11 -8.21 7.75 -10.32
C ASN A 11 -8.58 6.29 -10.49
N PHE A 12 -9.39 5.78 -9.57
CA PHE A 12 -9.94 4.45 -9.69
C PHE A 12 -11.37 4.42 -9.17
N THR A 13 -12.22 3.71 -9.89
CA THR A 13 -13.56 3.44 -9.41
C THR A 13 -13.76 1.93 -9.24
N THR A 14 -14.33 1.55 -8.10
CA THR A 14 -14.71 0.18 -7.84
C THR A 14 -15.97 -0.17 -8.61
N ALA A 15 -16.76 0.84 -8.92
CA ALA A 15 -17.98 0.68 -9.69
C ALA A 15 -17.62 0.14 -11.06
N GLY A 16 -18.11 -1.06 -11.36
CA GLY A 16 -17.85 -1.73 -12.63
C GLY A 16 -16.37 -2.00 -12.89
N ALA A 17 -15.59 -2.09 -11.81
CA ALA A 17 -14.18 -2.41 -11.92
C ALA A 17 -13.98 -3.78 -12.56
N THR A 18 -12.98 -3.86 -13.42
CA THR A 18 -12.60 -5.10 -14.08
C THR A 18 -11.14 -5.37 -13.74
N VAL A 19 -10.64 -6.55 -14.11
CA VAL A 19 -9.21 -6.83 -13.92
C VAL A 19 -8.39 -5.78 -14.64
N GLN A 20 -8.82 -5.41 -15.84
CA GLN A 20 -8.12 -4.42 -16.65
C GLN A 20 -8.10 -3.04 -15.99
N SER A 21 -9.26 -2.55 -15.57
CA SER A 21 -9.32 -1.21 -14.97
C SER A 21 -8.53 -1.17 -13.66
N TYR A 22 -8.58 -2.27 -12.91
CA TYR A 22 -7.81 -2.39 -11.68
C TYR A 22 -6.31 -2.48 -11.98
N THR A 23 -5.96 -3.30 -12.96
CA THR A 23 -4.57 -3.45 -13.41
C THR A 23 -4.02 -2.10 -13.88
N ASN A 24 -4.81 -1.37 -14.67
CA ASN A 24 -4.44 -0.02 -15.11
C ASN A 24 -4.18 0.90 -13.93
N PHE A 25 -5.04 0.78 -12.93
CA PHE A 25 -4.96 1.57 -11.71
C PHE A 25 -3.68 1.26 -10.94
N ILE A 26 -3.44 -0.02 -10.67
CA ILE A 26 -2.24 -0.41 -9.92
C ILE A 26 -0.95 -0.06 -10.65
N ARG A 27 -0.93 -0.27 -11.97
CA ARG A 27 0.21 0.10 -12.79
C ARG A 27 0.48 1.61 -12.76
N ALA A 28 -0.60 2.39 -12.78
CA ALA A 28 -0.47 3.85 -12.66
C ALA A 28 0.10 4.26 -11.30
N VAL A 29 -0.43 3.69 -10.23
CA VAL A 29 0.05 3.97 -8.88
C VAL A 29 1.53 3.58 -8.77
N ARG A 30 1.83 2.33 -9.14
CA ARG A 30 3.18 1.79 -9.18
C ARG A 30 4.08 2.68 -10.04
N GLY A 31 3.57 3.11 -11.19
CA GLY A 31 4.28 4.02 -12.09
C GLY A 31 4.66 5.35 -11.43
N ARG A 32 3.72 5.96 -10.72
CA ARG A 32 3.99 7.20 -9.99
C ARG A 32 4.98 6.96 -8.85
N LEU A 33 4.93 5.75 -8.28
CA LEU A 33 5.84 5.34 -7.22
C LEU A 33 7.23 4.98 -7.74
N THR A 34 7.35 4.78 -9.04
CA THR A 34 8.61 4.41 -9.66
C THR A 34 9.31 5.65 -10.21
N THR A 35 10.34 6.12 -9.49
CA THR A 35 11.10 7.30 -9.90
C THR A 35 12.02 7.00 -11.09
N GLY A 36 12.41 5.75 -11.23
CA GLY A 36 13.37 5.35 -12.25
C GLY A 36 14.80 5.63 -11.84
N ALA A 37 14.98 6.22 -10.66
CA ALA A 37 16.30 6.59 -10.16
C ALA A 37 17.02 5.43 -9.47
N ASP A 38 16.24 4.46 -9.00
CA ASP A 38 16.76 3.39 -8.17
C ASP A 38 16.10 2.05 -8.48
N VAL A 39 16.83 1.23 -9.23
CA VAL A 39 16.38 -0.11 -9.56
C VAL A 39 17.45 -1.10 -9.13
N ARG A 40 17.04 -2.03 -8.28
CA ARG A 40 17.92 -3.02 -7.67
C ARG A 40 17.45 -4.41 -8.11
N HIS A 41 18.26 -5.06 -8.94
CA HIS A 41 17.92 -6.38 -9.51
C HIS A 41 16.57 -6.39 -10.22
N GLU A 42 16.37 -5.38 -11.08
CA GLU A 42 15.15 -5.23 -11.88
C GLU A 42 13.93 -4.77 -11.08
N ILE A 43 14.11 -4.59 -9.76
CA ILE A 43 13.03 -4.17 -8.89
C ILE A 43 13.24 -2.71 -8.47
N PRO A 44 12.31 -1.82 -8.85
CA PRO A 44 12.37 -0.43 -8.45
C PRO A 44 12.42 -0.28 -6.93
N VAL A 45 13.24 0.66 -6.48
CA VAL A 45 13.31 1.03 -5.08
C VAL A 45 12.62 2.37 -4.95
N LEU A 46 11.78 2.49 -3.93
CA LEU A 46 11.10 3.73 -3.62
C LEU A 46 12.13 4.76 -3.16
N PRO A 47 11.85 6.06 -3.39
CA PRO A 47 12.83 7.08 -3.02
C PRO A 47 13.14 7.05 -1.53
N ASN A 48 14.40 7.29 -1.20
CA ASN A 48 14.85 7.44 0.16
C ASN A 48 14.13 8.62 0.81
N ARG A 49 13.67 8.43 2.05
CA ARG A 49 12.98 9.50 2.79
C ARG A 49 13.88 10.71 3.08
N VAL A 50 15.15 10.47 3.38
CA VAL A 50 16.07 11.55 3.72
C VAL A 50 16.45 12.39 2.49
N GLY A 51 16.23 13.69 2.61
CA GLY A 51 16.50 14.63 1.53
C GLY A 51 15.44 14.63 0.45
N LEU A 52 14.36 13.85 0.64
CA LEU A 52 13.29 13.79 -0.34
C LEU A 52 12.43 15.05 -0.25
N PRO A 53 12.43 15.87 -1.32
CA PRO A 53 11.69 17.12 -1.31
C PRO A 53 10.21 16.86 -1.09
N ILE A 54 9.59 17.76 -0.34
CA ILE A 54 8.16 17.67 -0.05
C ILE A 54 7.29 17.60 -1.31
N ASN A 55 7.78 18.22 -2.39
CA ASN A 55 7.13 18.20 -3.70
C ASN A 55 7.13 16.84 -4.38
N GLN A 56 8.08 16.00 -3.98
CA GLN A 56 8.26 14.67 -4.56
C GLN A 56 7.83 13.59 -3.57
N ARG A 57 7.07 13.98 -2.55
CA ARG A 57 6.82 13.12 -1.39
C ARG A 57 5.52 12.30 -1.47
N PHE A 58 4.49 12.84 -2.10
CA PHE A 58 3.19 12.18 -2.06
C PHE A 58 2.58 11.98 -3.43
N ILE A 59 1.76 10.94 -3.52
CA ILE A 59 0.86 10.75 -4.64
C ILE A 59 -0.56 10.62 -4.11
N LEU A 60 -1.52 10.95 -4.95
CA LEU A 60 -2.93 10.92 -4.55
C LEU A 60 -3.67 9.84 -5.30
N VAL A 61 -4.45 9.07 -4.56
CA VAL A 61 -5.27 8.01 -5.15
C VAL A 61 -6.72 8.35 -4.88
N GLU A 62 -7.38 8.87 -5.91
CA GLU A 62 -8.78 9.22 -5.82
C GLU A 62 -9.60 7.96 -6.08
N LEU A 63 -10.37 7.58 -5.08
CA LEU A 63 -11.20 6.38 -5.16
C LEU A 63 -12.65 6.77 -5.26
N SER A 64 -13.32 6.25 -6.28
CA SER A 64 -14.76 6.43 -6.45
C SER A 64 -15.42 5.08 -6.37
N ASN A 65 -16.70 5.07 -6.01
CA ASN A 65 -17.42 3.82 -5.92
C ASN A 65 -18.81 3.87 -6.54
N HIS A 66 -19.51 2.74 -6.51
CA HIS A 66 -20.85 2.62 -7.08
C HIS A 66 -21.88 3.50 -6.36
N ALA A 67 -21.63 3.79 -5.08
CA ALA A 67 -22.46 4.69 -4.31
C ALA A 67 -22.23 6.16 -4.70
N GLU A 68 -21.40 6.38 -5.72
CA GLU A 68 -21.05 7.72 -6.25
C GLU A 68 -20.30 8.56 -5.23
N LEU A 69 -19.59 7.88 -4.33
CA LEU A 69 -18.82 8.55 -3.31
C LEU A 69 -17.34 8.52 -3.66
N SER A 70 -16.64 9.57 -3.29
CA SER A 70 -15.22 9.67 -3.60
C SER A 70 -14.40 10.02 -2.35
N VAL A 71 -13.31 9.28 -2.17
CA VAL A 71 -12.29 9.63 -1.19
C VAL A 71 -10.95 9.71 -1.91
N THR A 72 -10.06 10.57 -1.43
CA THR A 72 -8.73 10.66 -2.01
C THR A 72 -7.67 10.26 -1.00
N LEU A 73 -7.06 9.09 -1.23
CA LEU A 73 -5.99 8.61 -0.37
C LEU A 73 -4.70 9.31 -0.75
N ALA A 74 -3.92 9.68 0.27
CA ALA A 74 -2.57 10.17 0.06
C ALA A 74 -1.60 9.04 0.35
N LEU A 75 -0.75 8.74 -0.64
CA LEU A 75 0.26 7.71 -0.49
C LEU A 75 1.66 8.31 -0.40
N ASP A 76 2.45 7.77 0.51
CA ASP A 76 3.82 8.22 0.72
C ASP A 76 4.70 7.57 -0.33
N MET A 77 5.42 8.39 -1.10
CA MET A 77 6.37 7.91 -2.10
C MET A 77 7.41 6.93 -1.56
N THR A 78 7.78 7.11 -0.29
CA THR A 78 8.88 6.37 0.33
C THR A 78 8.53 4.93 0.68
N ASN A 79 7.24 4.64 0.81
CA ASN A 79 6.81 3.30 1.22
C ASN A 79 5.49 2.86 0.60
N ALA A 80 4.94 3.69 -0.28
CA ALA A 80 3.62 3.45 -0.91
C ALA A 80 2.47 3.40 0.10
N ALA A 81 2.76 3.77 1.35
CA ALA A 81 1.78 3.67 2.44
C ALA A 81 0.74 4.77 2.37
N VAL A 82 -0.49 4.43 2.74
CA VAL A 82 -1.53 5.42 2.92
C VAL A 82 -1.22 6.17 4.21
N VAL A 83 -1.08 7.49 4.09
CA VAL A 83 -0.76 8.32 5.25
C VAL A 83 -2.02 9.04 5.73
N GLY A 84 -3.08 8.93 4.95
CA GLY A 84 -4.33 9.61 5.22
C GLY A 84 -5.15 9.79 3.96
N TYR A 85 -6.27 10.48 4.09
CA TYR A 85 -7.19 10.64 2.98
C TYR A 85 -8.07 11.88 3.11
N ARG A 86 -8.59 12.33 1.97
CA ARG A 86 -9.55 13.42 1.93
C ARG A 86 -10.94 12.88 1.60
N ALA A 87 -11.94 13.39 2.31
CA ALA A 87 -13.34 13.13 1.98
C ALA A 87 -14.09 14.45 2.06
N GLY A 88 -14.46 14.98 0.90
CA GLY A 88 -15.12 16.29 0.81
C GLY A 88 -14.21 17.41 1.29
N ASN A 89 -14.66 18.13 2.33
CA ASN A 89 -13.89 19.25 2.87
C ASN A 89 -13.11 18.88 4.14
N SER A 90 -12.86 17.58 4.31
CA SER A 90 -12.12 17.06 5.46
C SER A 90 -10.97 16.17 5.05
N ALA A 91 -9.86 16.29 5.78
CA ALA A 91 -8.71 15.41 5.59
C ALA A 91 -8.38 14.71 6.90
N TYR A 92 -8.02 13.43 6.79
CA TYR A 92 -7.74 12.59 7.94
C TYR A 92 -6.38 11.93 7.74
N PHE A 93 -5.51 12.06 8.73
CA PHE A 93 -4.15 11.54 8.63
C PHE A 93 -3.81 10.59 9.77
N PHE A 94 -3.14 9.50 9.43
CA PHE A 94 -2.61 8.60 10.44
C PHE A 94 -1.57 9.31 11.30
N HIS A 95 -1.49 8.91 12.57
CA HIS A 95 -0.51 9.47 13.48
C HIS A 95 0.89 9.31 12.90
N PRO A 96 1.58 10.45 12.68
CA PRO A 96 2.93 10.46 12.12
C PRO A 96 3.93 9.75 13.04
N ASP A 97 4.80 8.96 12.43
CA ASP A 97 5.83 8.22 13.15
C ASP A 97 6.98 9.11 13.62
N ASN A 98 7.01 10.34 13.12
CA ASN A 98 8.08 11.30 13.44
C ASN A 98 7.68 12.72 13.05
N GLN A 99 8.47 13.70 13.49
CA GLN A 99 8.18 15.11 13.25
C GLN A 99 8.29 15.49 11.78
N GLU A 100 9.20 14.82 11.07
CA GLU A 100 9.38 15.05 9.64
C GLU A 100 8.11 14.68 8.87
N ASP A 101 7.52 13.53 9.19
CA ASP A 101 6.28 13.10 8.55
C ASP A 101 5.10 13.99 8.94
N ALA A 102 5.09 14.43 10.20
CA ALA A 102 4.08 15.36 10.69
C ALA A 102 4.07 16.66 9.89
N GLU A 103 5.26 17.16 9.59
CA GLU A 103 5.40 18.35 8.76
C GLU A 103 4.99 18.04 7.33
N ALA A 104 5.44 16.88 6.83
CA ALA A 104 5.19 16.47 5.45
C ALA A 104 3.70 16.47 5.11
N ILE A 105 2.88 15.93 6.00
CA ILE A 105 1.44 15.80 5.76
C ILE A 105 0.66 17.12 5.75
N THR A 106 1.27 18.19 6.28
CA THR A 106 0.68 19.53 6.23
C THR A 106 0.63 20.07 4.78
N HIS A 107 1.37 19.41 3.89
CA HIS A 107 1.37 19.75 2.47
C HIS A 107 0.33 18.96 1.68
N LEU A 108 -0.45 18.14 2.37
CA LEU A 108 -1.51 17.36 1.75
C LEU A 108 -2.88 17.99 1.99
N PHE A 109 -3.69 18.04 0.94
CA PHE A 109 -5.07 18.54 1.00
C PHE A 109 -5.14 19.87 1.76
N THR A 110 -4.33 20.82 1.32
CA THR A 110 -4.14 22.08 2.05
C THR A 110 -5.32 23.04 1.90
N ASP A 111 -6.34 22.61 1.16
CA ASP A 111 -7.51 23.43 0.88
C ASP A 111 -8.76 22.96 1.62
N VAL A 112 -8.64 21.87 2.36
CA VAL A 112 -9.77 21.37 3.16
C VAL A 112 -10.02 22.28 4.37
N GLN A 113 -11.29 22.41 4.74
CA GLN A 113 -11.69 23.19 5.91
C GLN A 113 -11.23 22.47 7.19
N ASN A 114 -11.41 21.15 7.21
CA ASN A 114 -11.16 20.35 8.40
C ASN A 114 -9.99 19.39 8.22
N ARG A 115 -9.02 19.48 9.15
CA ARG A 115 -7.87 18.59 9.15
C ARG A 115 -7.81 17.84 10.47
N TYR A 116 -7.74 16.52 10.38
CA TYR A 116 -7.66 15.67 11.57
C TYR A 116 -6.48 14.74 11.48
N THR A 117 -5.77 14.60 12.59
CA THR A 117 -4.76 13.56 12.72
C THR A 117 -5.26 12.53 13.72
N PHE A 118 -5.37 11.29 13.27
CA PHE A 118 -5.73 10.19 14.14
C PHE A 118 -4.66 10.01 15.20
N ALA A 119 -5.08 9.55 16.37
CA ALA A 119 -4.16 9.27 17.46
C ALA A 119 -3.47 7.93 17.23
N PHE A 120 -3.93 7.18 16.24
CA PHE A 120 -3.36 5.88 15.89
C PHE A 120 -2.61 5.93 14.57
N GLY A 121 -1.63 5.04 14.42
CA GLY A 121 -0.87 4.94 13.18
C GLY A 121 -1.61 4.10 12.14
N GLY A 122 -1.09 4.10 10.92
CA GLY A 122 -1.68 3.34 9.82
C GLY A 122 -1.03 2.00 9.57
N ASN A 123 -0.42 1.43 10.61
CA ASN A 123 0.16 0.09 10.54
C ASN A 123 -0.91 -0.96 10.78
N TYR A 124 -0.69 -2.17 10.25
CA TYR A 124 -1.67 -3.25 10.36
C TYR A 124 -2.02 -3.61 11.80
N ASP A 125 -1.00 -3.76 12.63
CA ASP A 125 -1.20 -4.15 14.04
C ASP A 125 -2.23 -3.23 14.71
N ARG A 126 -1.99 -1.93 14.65
CA ARG A 126 -2.90 -0.95 15.23
C ARG A 126 -4.28 -1.01 14.56
N LEU A 127 -4.28 -1.04 13.23
CA LEU A 127 -5.52 -1.09 12.45
C LEU A 127 -6.35 -2.34 12.74
N GLU A 128 -5.68 -3.47 12.88
CA GLU A 128 -6.33 -4.75 13.19
C GLU A 128 -6.99 -4.75 14.57
N GLN A 129 -6.28 -4.21 15.56
CA GLN A 129 -6.80 -4.10 16.92
C GLN A 129 -8.03 -3.20 16.94
N LEU A 130 -7.91 -2.06 16.27
CA LEU A 130 -9.00 -1.10 16.17
C LEU A 130 -10.20 -1.71 15.43
N ALA A 131 -9.92 -2.42 14.34
CA ALA A 131 -10.96 -3.07 13.54
C ALA A 131 -11.62 -4.24 14.26
N GLY A 132 -10.91 -4.82 15.25
CA GLY A 132 -11.39 -5.99 15.97
C GLY A 132 -11.24 -7.25 15.13
N ASN A 133 -10.42 -7.16 14.09
CA ASN A 133 -10.17 -8.27 13.17
C ASN A 133 -8.78 -8.20 12.57
N LEU A 134 -8.15 -9.36 12.46
CA LEU A 134 -6.89 -9.49 11.76
C LEU A 134 -7.15 -9.43 10.25
N ARG A 135 -6.13 -9.07 9.48
CA ARG A 135 -6.20 -9.07 8.02
C ARG A 135 -6.76 -10.39 7.49
N GLU A 136 -6.30 -11.50 8.06
CA GLU A 136 -6.72 -12.82 7.60
C GLU A 136 -8.24 -12.95 7.60
N ASN A 137 -8.89 -12.26 8.54
CA ASN A 137 -10.33 -12.38 8.71
C ASN A 137 -11.08 -11.19 8.14
N ILE A 138 -10.38 -10.40 7.32
CA ILE A 138 -10.99 -9.26 6.63
C ILE A 138 -10.96 -9.51 5.12
N GLU A 139 -12.14 -9.70 4.56
CA GLU A 139 -12.27 -10.04 3.15
C GLU A 139 -11.78 -8.92 2.26
N LEU A 140 -11.11 -9.32 1.18
CA LEU A 140 -10.62 -8.38 0.17
C LEU A 140 -11.31 -8.66 -1.16
N GLY A 141 -11.31 -7.66 -2.02
CA GLY A 141 -11.99 -7.75 -3.31
C GLY A 141 -12.65 -6.42 -3.60
N ASN A 142 -13.30 -6.32 -4.76
CA ASN A 142 -13.93 -5.09 -5.19
C ASN A 142 -15.09 -4.67 -4.27
N GLY A 143 -15.85 -5.66 -3.79
CA GLY A 143 -16.92 -5.43 -2.83
C GLY A 143 -16.42 -4.76 -1.57
N PRO A 144 -15.49 -5.41 -0.84
CA PRO A 144 -14.81 -4.79 0.29
C PRO A 144 -14.27 -3.38 0.03
N LEU A 145 -13.64 -3.15 -1.13
CA LEU A 145 -13.11 -1.83 -1.46
C LEU A 145 -14.22 -0.81 -1.72
N GLU A 146 -15.26 -1.24 -2.43
CA GLU A 146 -16.46 -0.44 -2.65
C GLU A 146 -17.00 0.06 -1.32
N GLU A 147 -17.14 -0.87 -0.38
CA GLU A 147 -17.62 -0.60 0.97
C GLU A 147 -16.64 0.24 1.77
N ALA A 148 -15.35 0.00 1.56
CA ALA A 148 -14.29 0.75 2.23
C ALA A 148 -14.35 2.23 1.89
N ILE A 149 -14.60 2.53 0.62
CA ILE A 149 -14.69 3.90 0.12
C ILE A 149 -15.87 4.64 0.75
N SER A 150 -17.04 3.99 0.76
CA SER A 150 -18.23 4.56 1.40
C SER A 150 -17.97 4.85 2.87
N ALA A 151 -17.38 3.87 3.56
CA ALA A 151 -17.07 3.98 4.99
C ALA A 151 -16.07 5.09 5.28
N LEU A 152 -15.03 5.21 4.45
CA LEU A 152 -14.09 6.31 4.56
C LEU A 152 -14.79 7.66 4.34
N TYR A 153 -15.67 7.70 3.34
CA TYR A 153 -16.41 8.93 3.05
C TYR A 153 -17.35 9.33 4.19
N TYR A 154 -18.09 8.36 4.72
CA TYR A 154 -19.08 8.65 5.75
C TYR A 154 -18.49 8.97 7.11
N TYR A 155 -17.20 8.68 7.29
CA TYR A 155 -16.50 9.06 8.51
C TYR A 155 -16.43 10.58 8.62
N SER A 156 -16.32 11.25 7.47
CA SER A 156 -16.34 12.71 7.41
C SER A 156 -17.69 13.31 7.78
N THR A 157 -18.76 12.55 7.56
CA THR A 157 -20.12 12.96 7.94
C THR A 157 -20.58 12.31 9.25
N GLY A 158 -19.68 11.59 9.92
CA GLY A 158 -19.98 10.98 11.22
C GLY A 158 -20.80 9.70 11.18
N GLY A 159 -20.81 9.03 10.03
CA GLY A 159 -21.60 7.82 9.84
C GLY A 159 -20.81 6.52 9.91
N THR A 160 -19.51 6.63 10.18
CA THR A 160 -18.64 5.46 10.24
C THR A 160 -17.94 5.35 11.60
N GLN A 161 -18.09 4.18 12.21
CA GLN A 161 -17.42 3.84 13.45
C GLN A 161 -15.93 3.61 13.19
N LEU A 162 -15.10 3.85 14.19
CA LEU A 162 -13.66 3.62 14.08
C LEU A 162 -13.26 2.20 13.66
N PRO A 163 -13.82 1.16 14.22
CA PRO A 163 -13.50 -0.18 13.75
C PRO A 163 -13.75 -0.40 12.27
N THR A 164 -14.81 0.15 11.75
CA THR A 164 -15.17 -0.06 10.39
C THR A 164 -14.24 0.72 9.54
N LEU A 165 -14.00 1.98 9.91
CA LEU A 165 -12.83 2.71 9.43
C LEU A 165 -11.62 1.79 9.29
N ALA A 166 -11.08 1.35 10.42
CA ALA A 166 -9.90 0.55 10.43
C ALA A 166 -9.89 -0.57 9.41
N ARG A 167 -10.91 -1.39 9.45
CA ARG A 167 -11.17 -2.37 8.46
C ARG A 167 -11.07 -1.83 7.04
N SER A 168 -11.68 -0.70 6.81
CA SER A 168 -11.65 -0.02 5.55
C SER A 168 -10.24 0.44 5.14
N PHE A 169 -9.53 0.94 6.09
CA PHE A 169 -8.11 1.24 5.88
C PHE A 169 -7.34 -0.02 5.52
N ILE A 170 -7.57 -1.09 6.26
CA ILE A 170 -6.93 -2.38 6.01
C ILE A 170 -7.19 -2.88 4.58
N ILE A 171 -8.44 -2.75 4.12
CA ILE A 171 -8.81 -3.12 2.76
C ILE A 171 -8.09 -2.22 1.74
N CYS A 172 -8.19 -0.90 1.93
CA CYS A 172 -7.57 0.05 1.01
C CYS A 172 -6.07 -0.16 0.89
N ILE A 173 -5.40 -0.27 2.03
CA ILE A 173 -3.95 -0.44 2.06
C ILE A 173 -3.53 -1.70 1.30
N GLN A 174 -4.21 -2.81 1.54
CA GLN A 174 -3.84 -4.06 0.88
C GLN A 174 -4.12 -4.05 -0.61
N MET A 175 -5.25 -3.48 -0.99
CA MET A 175 -5.67 -3.49 -2.38
C MET A 175 -5.00 -2.41 -3.21
N ILE A 176 -4.35 -1.47 -2.54
CA ILE A 176 -3.69 -0.36 -3.23
C ILE A 176 -2.19 -0.33 -2.94
N SER A 177 -1.83 -0.14 -1.67
CA SER A 177 -0.43 -0.05 -1.27
C SER A 177 0.32 -1.37 -1.48
N GLU A 178 -0.27 -2.47 -1.03
CA GLU A 178 0.37 -3.79 -1.16
C GLU A 178 0.33 -4.32 -2.58
N ALA A 179 -0.74 -4.00 -3.30
CA ALA A 179 -0.88 -4.37 -4.69
C ALA A 179 0.17 -3.67 -5.56
N ALA A 180 0.43 -2.39 -5.27
CA ALA A 180 1.48 -1.65 -5.96
C ALA A 180 2.86 -2.20 -5.60
N ARG A 181 3.05 -2.56 -4.34
CA ARG A 181 4.31 -3.12 -3.86
C ARG A 181 4.59 -4.49 -4.43
N PHE A 182 3.52 -5.27 -4.63
CA PHE A 182 3.63 -6.68 -5.03
C PHE A 182 2.72 -6.99 -6.22
N GLN A 183 3.32 -7.39 -7.34
CA GLN A 183 2.55 -7.89 -8.48
C GLN A 183 1.74 -9.10 -8.06
N TYR A 184 2.29 -9.88 -7.13
CA TYR A 184 1.63 -11.05 -6.60
C TYR A 184 0.32 -10.68 -5.90
N ILE A 185 0.37 -9.68 -5.04
CA ILE A 185 -0.83 -9.21 -4.33
C ILE A 185 -1.81 -8.53 -5.29
N GLU A 186 -1.27 -7.74 -6.22
CA GLU A 186 -2.06 -7.21 -7.32
C GLU A 186 -2.77 -8.35 -8.05
N GLY A 187 -2.03 -9.40 -8.39
CA GLY A 187 -2.59 -10.59 -9.03
C GLY A 187 -3.72 -11.23 -8.24
N GLU A 188 -3.51 -11.37 -6.93
CA GLU A 188 -4.52 -11.87 -6.00
C GLU A 188 -5.80 -11.01 -6.03
N MET A 189 -5.62 -9.70 -6.12
CA MET A 189 -6.74 -8.78 -6.21
C MET A 189 -7.41 -8.84 -7.58
N ARG A 190 -6.60 -8.96 -8.63
CA ARG A 190 -7.10 -9.10 -10.00
C ARG A 190 -8.01 -10.32 -10.13
N THR A 191 -7.56 -11.43 -9.54
CA THR A 191 -8.30 -12.68 -9.56
C THR A 191 -9.64 -12.54 -8.83
N ARG A 192 -9.60 -11.90 -7.66
CA ARG A 192 -10.81 -11.58 -6.91
C ARG A 192 -11.83 -10.82 -7.76
N ILE A 193 -11.36 -9.81 -8.48
CA ILE A 193 -12.22 -9.00 -9.34
C ILE A 193 -12.70 -9.82 -10.54
N ARG A 194 -11.80 -10.60 -11.13
CA ARG A 194 -12.15 -11.45 -12.27
C ARG A 194 -13.35 -12.35 -11.98
N TYR A 195 -13.40 -12.87 -10.76
CA TYR A 195 -14.44 -13.83 -10.40
C TYR A 195 -15.40 -13.30 -9.34
N ASN A 196 -15.46 -11.98 -9.19
CA ASN A 196 -16.26 -11.30 -8.17
C ASN A 196 -16.15 -12.04 -6.84
N ARG A 197 -14.90 -12.29 -6.44
CA ARG A 197 -14.62 -13.04 -5.24
C ARG A 197 -14.29 -12.04 -4.14
N ARG A 198 -14.86 -12.31 -2.97
CA ARG A 198 -14.64 -11.55 -1.78
C ARG A 198 -14.08 -12.54 -0.78
N SER A 199 -12.81 -12.40 -0.46
CA SER A 199 -12.14 -13.33 0.44
C SER A 199 -10.96 -12.71 1.14
N ALA A 200 -10.75 -13.11 2.38
CA ALA A 200 -9.62 -12.68 3.19
C ALA A 200 -8.30 -13.10 2.53
N PRO A 201 -7.23 -12.33 2.75
CA PRO A 201 -5.92 -12.68 2.20
C PRO A 201 -5.40 -14.00 2.77
N ASP A 202 -4.95 -14.89 1.87
CA ASP A 202 -4.32 -16.14 2.28
C ASP A 202 -2.94 -15.89 2.89
N PRO A 203 -2.31 -16.94 3.47
CA PRO A 203 -0.98 -16.80 4.09
C PRO A 203 0.12 -16.25 3.19
N SER A 204 0.00 -16.44 1.87
CA SER A 204 1.00 -15.90 0.95
C SER A 204 0.93 -14.37 0.89
N VAL A 205 -0.29 -13.83 0.86
CA VAL A 205 -0.48 -12.38 0.90
C VAL A 205 -0.03 -11.80 2.25
N ILE A 206 -0.45 -12.44 3.34
CA ILE A 206 -0.10 -11.97 4.69
C ILE A 206 1.42 -11.91 4.90
N THR A 207 2.10 -13.01 4.57
CA THR A 207 3.55 -13.09 4.82
C THR A 207 4.36 -12.13 3.95
N LEU A 208 3.91 -11.92 2.71
CA LEU A 208 4.52 -10.91 1.85
C LEU A 208 4.39 -9.51 2.44
N GLU A 209 3.20 -9.18 2.91
CA GLU A 209 2.94 -7.90 3.56
C GLU A 209 3.83 -7.71 4.80
N ASN A 210 3.85 -8.73 5.65
CA ASN A 210 4.66 -8.73 6.87
C ASN A 210 6.15 -8.64 6.57
N SER A 211 6.56 -9.21 5.44
CA SER A 211 7.98 -9.34 5.10
C SER A 211 8.47 -8.32 4.08
N TRP A 212 7.62 -7.39 3.68
CA TRP A 212 7.99 -6.40 2.66
C TRP A 212 9.28 -5.63 2.98
N GLY A 213 9.36 -5.09 4.20
CA GLY A 213 10.55 -4.38 4.66
C GLY A 213 11.78 -5.28 4.67
N ARG A 214 11.61 -6.47 5.24
CA ARG A 214 12.71 -7.44 5.32
C ARG A 214 13.16 -7.96 3.96
N LEU A 215 12.20 -8.21 3.07
CA LEU A 215 12.47 -8.56 1.69
C LEU A 215 13.22 -7.46 0.95
N SER A 216 12.76 -6.21 1.15
CA SER A 216 13.44 -5.05 0.56
C SER A 216 14.88 -4.97 1.04
N THR A 217 15.07 -5.13 2.35
CA THR A 217 16.40 -5.09 2.93
C THR A 217 17.24 -6.25 2.43
N ALA A 218 16.67 -7.45 2.42
CA ALA A 218 17.40 -8.64 2.01
C ALA A 218 17.92 -8.55 0.57
N ILE A 219 17.09 -8.03 -0.32
CA ILE A 219 17.45 -7.83 -1.72
C ILE A 219 18.55 -6.78 -1.85
N GLN A 220 18.37 -5.65 -1.17
CA GLN A 220 19.30 -4.54 -1.26
C GLN A 220 20.64 -4.84 -0.58
N GLU A 221 20.60 -5.73 0.40
CA GLU A 221 21.81 -6.11 1.14
C GLU A 221 22.36 -7.44 0.65
N SER A 222 21.69 -8.02 -0.35
CA SER A 222 22.09 -9.31 -0.89
C SER A 222 23.45 -9.23 -1.58
N ASN A 223 24.10 -10.38 -1.68
CA ASN A 223 25.33 -10.50 -2.42
C ASN A 223 25.00 -11.00 -3.83
N GLN A 224 24.92 -10.05 -4.76
CA GLN A 224 24.55 -10.31 -6.15
C GLN A 224 23.18 -10.97 -6.29
N GLY A 225 22.29 -10.69 -5.35
CA GLY A 225 20.95 -11.27 -5.35
C GLY A 225 20.76 -12.38 -4.32
N ALA A 226 21.86 -12.94 -3.85
CA ALA A 226 21.83 -14.01 -2.84
C ALA A 226 21.64 -13.43 -1.44
N PHE A 227 20.57 -13.86 -0.79
CA PHE A 227 20.29 -13.49 0.60
C PHE A 227 21.31 -14.12 1.54
N ALA A 228 21.79 -13.33 2.50
CA ALA A 228 22.69 -13.85 3.54
C ALA A 228 21.95 -14.80 4.44
N SER A 229 20.66 -14.52 4.64
CA SER A 229 19.79 -15.40 5.39
C SER A 229 18.42 -15.46 4.72
N PRO A 230 17.83 -16.67 4.64
CA PRO A 230 16.55 -16.83 3.97
C PRO A 230 15.40 -16.09 4.67
N ILE A 231 14.43 -15.66 3.88
CA ILE A 231 13.20 -15.12 4.42
C ILE A 231 12.10 -16.15 4.29
N GLN A 232 11.45 -16.44 5.42
CA GLN A 232 10.39 -17.43 5.48
C GLN A 232 9.08 -16.77 5.09
N LEU A 233 8.48 -17.29 4.02
CA LEU A 233 7.15 -16.90 3.61
C LEU A 233 6.24 -18.11 3.69
N GLN A 234 4.94 -17.89 3.47
CA GLN A 234 4.00 -18.98 3.31
C GLN A 234 3.40 -18.92 1.92
N ARG A 235 3.08 -20.08 1.36
CA ARG A 235 2.34 -20.16 0.10
C ARG A 235 0.85 -19.94 0.38
N ARG A 236 0.04 -19.93 -0.68
CA ARG A 236 -1.41 -19.79 -0.58
C ARG A 236 -2.02 -20.84 0.36
N ASN A 237 -1.48 -22.06 0.30
CA ASN A 237 -1.94 -23.15 1.16
C ASN A 237 -1.36 -23.11 2.57
N GLY A 238 -0.51 -22.13 2.83
CA GLY A 238 0.06 -21.92 4.17
C GLY A 238 1.38 -22.63 4.45
N SER A 239 1.88 -23.37 3.46
CA SER A 239 3.14 -24.09 3.62
C SER A 239 4.35 -23.14 3.57
N LYS A 240 5.34 -23.45 4.39
CA LYS A 240 6.58 -22.68 4.47
C LYS A 240 7.29 -22.59 3.13
N PHE A 241 7.58 -21.37 2.71
CA PHE A 241 8.37 -21.12 1.50
C PHE A 241 9.52 -20.21 1.88
N SER A 242 10.74 -20.73 1.74
CA SER A 242 11.94 -19.96 2.05
C SER A 242 12.48 -19.25 0.81
N VAL A 243 12.78 -17.97 0.97
CA VAL A 243 13.34 -17.15 -0.09
C VAL A 243 14.83 -16.94 0.16
N TYR A 244 15.65 -17.40 -0.78
CA TYR A 244 17.10 -17.35 -0.64
C TYR A 244 17.69 -16.34 -1.61
N ASP A 245 16.84 -15.81 -2.49
CA ASP A 245 17.32 -15.03 -3.61
C ASP A 245 16.27 -14.06 -4.12
N VAL A 246 16.75 -12.95 -4.68
CA VAL A 246 15.90 -11.96 -5.33
C VAL A 246 15.17 -12.51 -6.56
N SER A 247 15.78 -13.48 -7.25
CA SER A 247 15.28 -13.96 -8.55
C SER A 247 13.82 -14.40 -8.51
N ILE A 248 13.46 -15.19 -7.50
CA ILE A 248 12.08 -15.66 -7.37
C ILE A 248 11.12 -14.56 -6.91
N LEU A 249 11.66 -13.45 -6.45
CA LEU A 249 10.86 -12.30 -6.02
C LEU A 249 10.61 -11.29 -7.13
N ILE A 250 11.35 -11.41 -8.23
CA ILE A 250 11.21 -10.48 -9.37
C ILE A 250 9.77 -10.47 -9.93
N PRO A 251 9.11 -11.66 -10.07
CA PRO A 251 7.71 -11.60 -10.47
C PRO A 251 6.74 -11.32 -9.33
N ILE A 252 7.26 -11.17 -8.11
CA ILE A 252 6.43 -11.08 -6.91
C ILE A 252 6.42 -9.68 -6.27
N ILE A 253 7.61 -9.10 -6.10
CA ILE A 253 7.76 -7.80 -5.48
C ILE A 253 8.05 -6.75 -6.56
N ALA A 254 7.23 -5.70 -6.58
CA ALA A 254 7.28 -4.68 -7.62
C ALA A 254 8.01 -3.43 -7.18
N LEU A 255 7.98 -3.17 -5.87
CA LEU A 255 8.57 -1.99 -5.29
C LEU A 255 9.19 -2.36 -3.96
N MET A 256 10.34 -1.77 -3.69
CA MET A 256 11.01 -1.94 -2.40
C MET A 256 11.13 -0.61 -1.69
N VAL A 257 10.95 -0.65 -0.37
CA VAL A 257 11.31 0.49 0.46
C VAL A 257 12.83 0.60 0.48
N TYR A 258 13.33 1.82 0.38
CA TYR A 258 14.76 2.10 0.45
C TYR A 258 15.30 1.66 1.80
N ARG A 259 16.35 0.85 1.78
CA ARG A 259 16.90 0.30 3.03
C ARG A 259 18.39 0.56 3.18
N CYS A 260 19.10 0.62 2.06
CA CYS A 260 20.51 0.98 2.04
C CYS A 260 20.83 1.53 0.67
N ALA A 261 21.95 2.23 0.55
CA ALA A 261 22.43 2.72 -0.73
C ALA A 261 22.86 1.53 -1.57
N PRO A 262 22.62 1.58 -2.90
CA PRO A 262 23.13 0.50 -3.73
C PRO A 262 24.66 0.51 -3.65
N PRO A 263 25.27 -0.65 -3.35
CA PRO A 263 26.73 -0.66 -3.22
C PRO A 263 27.40 -0.30 -4.54
N PRO A 264 28.61 0.30 -4.47
CA PRO A 264 29.36 0.56 -5.69
C PRO A 264 29.43 -0.72 -6.52
N SER A 265 29.07 -0.60 -7.79
CA SER A 265 28.97 -1.74 -8.69
C SER A 265 30.26 -2.56 -8.72
N SER A 266 30.17 -3.81 -8.27
CA SER A 266 31.32 -4.71 -8.30
C SER A 266 31.22 -5.56 -9.56
N GLN A 267 31.52 -4.94 -10.69
CA GLN A 267 31.39 -5.59 -12.00
C GLN A 267 32.61 -6.47 -12.27
N PHE A 268 32.35 -7.67 -12.81
CA PHE A 268 33.41 -8.62 -13.14
C PHE A 268 34.31 -8.10 -14.26
S SO4 B . -12.50 -3.94 -19.61
O1 SO4 B . -13.99 -3.75 -19.63
O2 SO4 B . -11.92 -3.20 -18.45
O3 SO4 B . -12.20 -5.41 -19.47
O4 SO4 B . -11.90 -3.41 -20.87
S SO4 C . 0.46 3.34 16.85
O1 SO4 C . -0.92 3.94 16.94
O2 SO4 C . 1.33 3.96 17.90
O3 SO4 C . 0.40 1.86 17.05
O4 SO4 C . 1.05 3.63 15.50
#